data_1JAE
#
_entry.id   1JAE
#
_cell.length_a   51.240
_cell.length_b   93.460
_cell.length_c   96.950
_cell.angle_alpha   90.00
_cell.angle_beta   90.00
_cell.angle_gamma   90.00
#
_symmetry.space_group_name_H-M   'P 21 21 21'
#
loop_
_entity.id
_entity.type
_entity.pdbx_description
1 polymer ALPHA-AMYLASE
2 non-polymer 'CALCIUM ION'
3 non-polymer 'CHLORIDE ION'
4 water water
#
_entity_poly.entity_id   1
_entity_poly.type   'polypeptide(L)'
_entity_poly.pdbx_seq_one_letter_code
;(PCA)KDANFASGRNSIVHLFEWKWNDIADECERFLQPQGFGGVQISPPNEYLVADGRPWWERYQPVSYIINTRSGDESA
FTDMTRRCNDAGVRIYVDAVINHMTGMNGVGTSGSSADHDGMNYPAVPYGSGDFHSPCEVNNYQDADNVRNCELVGLRDL
NQGSDYVRGVLIDYMNHMIDLGVAGFRVDAAKHMSPGDLSVIFSGLKNLNTDYGFADGARPFIYQEVIDLGGEAISKNEY
TGFGCVLEFQFGVSLGNAFQGGNQLKNLANWGPEWGLLEGLDAVVFVDNHDNQRTGGSQILTYKNPKPYKMAIAFMLAHP
YGTTRIMSSFDFTDNDQGPPQDGSGNLISPGINDDNTCSNGYVCEHRWRQVYGMVGFRNAVEGTQVENWWSNDDNQIAFS
RGSQGFVAFTNGGDLNQNLNTGLPAGTYCDVISGELSGGSCTGKSVTVGDNGSADISLGSAEDDGVLAIHVNAKL
;
_entity_poly.pdbx_strand_id   A
#
# COMPACT_ATOMS: atom_id res chain seq x y z
N LYS A 2 -7.64 13.30 -3.22
CA LYS A 2 -6.27 12.97 -3.60
C LYS A 2 -5.22 13.33 -2.56
N ASP A 3 -5.67 13.82 -1.39
CA ASP A 3 -4.77 14.17 -0.31
C ASP A 3 -4.88 13.01 0.68
N ALA A 4 -3.76 12.38 0.98
CA ALA A 4 -3.76 11.25 1.92
C ALA A 4 -4.18 11.64 3.33
N ASN A 5 -4.13 12.93 3.65
CA ASN A 5 -4.49 13.44 4.97
C ASN A 5 -3.51 13.00 6.05
N PHE A 6 -2.26 12.75 5.66
CA PHE A 6 -1.22 12.35 6.61
C PHE A 6 -0.99 13.48 7.60
N ALA A 7 -0.46 13.16 8.77
CA ALA A 7 -0.11 14.17 9.75
C ALA A 7 1.20 14.74 9.22
N SER A 8 1.56 15.95 9.64
CA SER A 8 2.80 16.56 9.18
C SER A 8 4.02 15.71 9.49
N GLY A 9 4.98 15.69 8.56
CA GLY A 9 6.20 14.95 8.73
C GLY A 9 6.10 13.44 8.61
N ARG A 10 5.05 12.97 7.96
CA ARG A 10 4.85 11.53 7.79
C ARG A 10 4.68 11.20 6.32
N ASN A 11 4.93 9.94 5.99
CA ASN A 11 4.74 9.48 4.62
C ASN A 11 4.53 7.97 4.65
N SER A 12 3.94 7.48 3.56
CA SER A 12 3.68 6.07 3.33
C SER A 12 2.55 5.42 4.11
N ILE A 13 1.91 4.48 3.42
CA ILE A 13 0.81 3.72 3.97
C ILE A 13 1.37 2.29 4.03
N VAL A 14 1.18 1.61 5.16
CA VAL A 14 1.64 0.24 5.28
C VAL A 14 0.40 -0.66 5.24
N HIS A 15 0.43 -1.68 4.40
CA HIS A 15 -0.70 -2.60 4.34
C HIS A 15 -0.45 -3.68 5.38
N LEU A 16 -1.07 -3.54 6.54
CA LEU A 16 -0.92 -4.55 7.61
C LEU A 16 -1.95 -5.65 7.33
N PHE A 17 -1.62 -6.41 6.31
CA PHE A 17 -2.42 -7.51 5.77
C PHE A 17 -2.80 -8.56 6.82
N GLU A 18 -4.10 -8.70 7.06
CA GLU A 18 -4.64 -9.66 8.02
C GLU A 18 -4.38 -9.36 9.50
N TRP A 19 -3.89 -8.16 9.81
CA TRP A 19 -3.65 -7.83 11.22
C TRP A 19 -4.96 -7.52 11.92
N LYS A 20 -4.97 -7.72 13.23
CA LYS A 20 -6.13 -7.45 14.07
C LYS A 20 -6.10 -5.99 14.49
N TRP A 21 -7.26 -5.42 14.81
CA TRP A 21 -7.32 -4.02 15.20
C TRP A 21 -6.46 -3.71 16.43
N ASN A 22 -6.50 -4.58 17.45
CA ASN A 22 -5.71 -4.36 18.66
C ASN A 22 -4.21 -4.28 18.36
N ASP A 23 -3.75 -5.17 17.49
CA ASP A 23 -2.35 -5.22 17.13
C ASP A 23 -1.93 -4.01 16.32
N ILE A 24 -2.80 -3.56 15.43
CA ILE A 24 -2.52 -2.37 14.63
C ILE A 24 -2.42 -1.15 15.58
N ALA A 25 -3.33 -1.05 16.54
CA ALA A 25 -3.31 0.05 17.51
C ALA A 25 -1.95 0.08 18.23
N ASP A 26 -1.49 -1.09 18.67
CA ASP A 26 -0.18 -1.22 19.34
C ASP A 26 0.96 -0.80 18.40
N GLU A 27 0.89 -1.29 17.16
CA GLU A 27 1.90 -1.00 16.16
C GLU A 27 1.99 0.50 15.87
N CYS A 28 0.83 1.17 15.81
CA CYS A 28 0.80 2.61 15.57
C CYS A 28 1.61 3.34 16.62
N GLU A 29 1.44 2.95 17.86
CA GLU A 29 2.11 3.57 18.98
C GLU A 29 3.58 3.23 19.14
N ARG A 30 3.88 1.93 19.09
CA ARG A 30 5.24 1.48 19.31
C ARG A 30 6.21 1.57 18.13
N PHE A 31 5.70 1.63 16.91
CA PHE A 31 6.60 1.65 15.78
C PHE A 31 6.27 2.65 14.68
N LEU A 32 5.03 2.64 14.22
CA LEU A 32 4.66 3.53 13.11
C LEU A 32 4.88 5.02 13.42
N GLN A 33 4.44 5.46 14.58
CA GLN A 33 4.62 6.85 14.99
C GLN A 33 6.11 7.22 15.10
N PRO A 34 6.89 6.49 15.91
CA PRO A 34 8.31 6.77 16.07
C PRO A 34 9.08 6.79 14.75
N GLN A 35 8.70 5.92 13.82
CA GLN A 35 9.40 5.83 12.55
C GLN A 35 8.89 6.76 11.46
N GLY A 36 7.87 7.53 11.76
CA GLY A 36 7.38 8.49 10.80
C GLY A 36 6.49 8.01 9.67
N PHE A 37 5.82 6.88 9.85
CA PHE A 37 4.90 6.36 8.83
C PHE A 37 3.62 7.18 8.86
N GLY A 38 2.97 7.29 7.71
CA GLY A 38 1.76 8.07 7.63
C GLY A 38 0.43 7.36 7.80
N GLY A 39 0.38 6.10 7.44
CA GLY A 39 -0.89 5.39 7.58
C GLY A 39 -0.83 3.90 7.45
N VAL A 40 -1.99 3.30 7.66
CA VAL A 40 -2.15 1.86 7.59
C VAL A 40 -3.37 1.53 6.74
N GLN A 41 -3.18 0.63 5.78
CA GLN A 41 -4.30 0.14 5.00
C GLN A 41 -4.67 -1.16 5.72
N ILE A 42 -5.89 -1.22 6.21
CA ILE A 42 -6.35 -2.41 6.92
C ILE A 42 -7.07 -3.35 5.95
N SER A 43 -7.14 -4.62 6.34
CA SER A 43 -7.86 -5.63 5.57
C SER A 43 -9.35 -5.30 5.75
N PRO A 44 -10.22 -5.77 4.84
CA PRO A 44 -11.65 -5.48 4.94
C PRO A 44 -12.19 -5.69 6.37
N PRO A 45 -12.81 -4.65 6.96
CA PRO A 45 -13.36 -4.70 8.33
C PRO A 45 -14.83 -5.12 8.44
N ASN A 46 -15.50 -5.24 7.30
CA ASN A 46 -16.92 -5.61 7.25
C ASN A 46 -17.06 -7.13 7.19
N GLU A 47 -18.19 -7.62 7.67
CA GLU A 47 -18.46 -9.04 7.68
C GLU A 47 -18.31 -9.70 6.31
N TYR A 48 -17.49 -10.73 6.26
CA TYR A 48 -17.24 -11.45 5.04
C TYR A 48 -17.45 -12.95 5.25
N LEU A 49 -17.41 -13.69 4.17
CA LEU A 49 -17.65 -15.12 4.19
C LEU A 49 -16.64 -15.95 4.98
N VAL A 50 -17.15 -16.96 5.69
CA VAL A 50 -16.27 -17.87 6.39
C VAL A 50 -16.05 -19.05 5.41
N ALA A 51 -14.85 -19.10 4.82
CA ALA A 51 -14.51 -20.13 3.86
C ALA A 51 -13.65 -21.21 4.47
N ASP A 52 -13.80 -22.42 3.92
CA ASP A 52 -13.07 -23.60 4.38
C ASP A 52 -11.57 -23.34 4.45
N GLY A 53 -10.98 -23.56 5.62
CA GLY A 53 -9.56 -23.36 5.78
C GLY A 53 -9.18 -21.94 6.12
N ARG A 54 -10.16 -21.04 6.09
CA ARG A 54 -9.94 -19.63 6.41
C ARG A 54 -8.85 -18.99 5.56
N PRO A 55 -8.99 -19.03 4.22
CA PRO A 55 -7.98 -18.43 3.34
C PRO A 55 -8.01 -16.89 3.45
N TRP A 56 -6.94 -16.24 3.02
CA TRP A 56 -6.92 -14.77 3.08
C TRP A 56 -8.02 -14.20 2.19
N TRP A 57 -8.34 -14.90 1.10
CA TRP A 57 -9.33 -14.39 0.17
C TRP A 57 -10.79 -14.35 0.59
N GLU A 58 -11.12 -14.99 1.71
CA GLU A 58 -12.50 -14.97 2.19
C GLU A 58 -12.90 -13.51 2.51
N ARG A 59 -11.92 -12.68 2.84
CA ARG A 59 -12.20 -11.28 3.16
C ARG A 59 -12.78 -10.49 2.00
N TYR A 60 -12.60 -11.01 0.78
CA TYR A 60 -13.08 -10.32 -0.40
C TYR A 60 -14.42 -10.80 -0.91
N GLN A 61 -15.16 -11.46 -0.02
CA GLN A 61 -16.50 -11.91 -0.33
C GLN A 61 -17.39 -11.38 0.79
N PRO A 62 -17.85 -10.12 0.67
CA PRO A 62 -18.72 -9.48 1.65
C PRO A 62 -20.03 -10.21 1.90
N VAL A 63 -20.45 -10.20 3.15
CA VAL A 63 -21.72 -10.81 3.56
C VAL A 63 -22.62 -9.68 4.10
N SER A 64 -22.02 -8.65 4.68
CA SER A 64 -22.77 -7.50 5.17
C SER A 64 -21.78 -6.39 5.46
N TYR A 65 -22.25 -5.30 6.05
CA TYR A 65 -21.38 -4.19 6.40
C TYR A 65 -21.20 -4.07 7.91
N ILE A 66 -21.49 -5.16 8.61
CA ILE A 66 -21.33 -5.23 10.06
C ILE A 66 -19.83 -5.33 10.32
N ILE A 67 -19.33 -4.48 11.21
CA ILE A 67 -17.92 -4.47 11.55
C ILE A 67 -17.62 -5.55 12.60
N ASN A 68 -17.43 -6.78 12.14
CA ASN A 68 -17.15 -7.89 13.01
C ASN A 68 -16.50 -8.93 12.14
N THR A 69 -15.19 -9.07 12.28
CA THR A 69 -14.40 -9.99 11.48
C THR A 69 -13.35 -10.62 12.38
N ARG A 70 -12.47 -11.42 11.79
CA ARG A 70 -11.41 -12.03 12.59
C ARG A 70 -10.45 -10.95 13.13
N SER A 71 -10.50 -9.75 12.54
CA SER A 71 -9.65 -8.65 13.01
C SER A 71 -10.21 -7.99 14.25
N GLY A 72 -11.49 -8.24 14.53
CA GLY A 72 -12.12 -7.69 15.70
C GLY A 72 -13.49 -7.09 15.43
N ASP A 73 -14.11 -6.60 16.50
CA ASP A 73 -15.43 -5.99 16.41
C ASP A 73 -15.30 -4.47 16.33
N GLU A 74 -16.44 -3.78 16.44
CA GLU A 74 -16.45 -2.34 16.33
C GLU A 74 -15.77 -1.59 17.48
N SER A 75 -15.85 -2.13 18.69
CA SER A 75 -15.19 -1.46 19.81
C SER A 75 -13.68 -1.60 19.63
N ALA A 76 -13.22 -2.74 19.12
CA ALA A 76 -11.79 -2.94 18.88
C ALA A 76 -11.36 -1.98 17.78
N PHE A 77 -12.25 -1.83 16.79
CA PHE A 77 -11.99 -0.96 15.65
C PHE A 77 -11.83 0.50 16.09
N THR A 78 -12.72 0.97 16.95
CA THR A 78 -12.66 2.35 17.41
C THR A 78 -11.47 2.60 18.34
N ASP A 79 -11.07 1.58 19.08
CA ASP A 79 -9.90 1.70 19.93
C ASP A 79 -8.69 1.94 19.01
N MET A 80 -8.67 1.21 17.90
CA MET A 80 -7.59 1.34 16.92
C MET A 80 -7.58 2.72 16.25
N THR A 81 -8.73 3.22 15.79
CA THR A 81 -8.75 4.52 15.14
C THR A 81 -8.41 5.64 16.11
N ARG A 82 -8.86 5.52 17.36
CA ARG A 82 -8.57 6.53 18.36
C ARG A 82 -7.05 6.56 18.60
N ARG A 83 -6.48 5.40 18.90
CA ARG A 83 -5.05 5.31 19.20
C ARG A 83 -4.13 5.60 18.03
N CYS A 84 -4.47 5.12 16.84
CA CYS A 84 -3.64 5.40 15.68
C CYS A 84 -3.69 6.88 15.32
N ASN A 85 -4.89 7.46 15.26
CA ASN A 85 -5.01 8.87 14.96
C ASN A 85 -4.30 9.73 15.99
N ASP A 86 -4.37 9.33 17.26
CA ASP A 86 -3.68 10.10 18.31
C ASP A 86 -2.18 10.02 18.09
N ALA A 87 -1.71 8.92 17.51
CA ALA A 87 -0.30 8.72 17.22
C ALA A 87 0.08 9.29 15.84
N GLY A 88 -0.84 10.00 15.21
CA GLY A 88 -0.59 10.59 13.90
C GLY A 88 -0.50 9.61 12.75
N VAL A 89 -1.13 8.44 12.90
CA VAL A 89 -1.11 7.40 11.87
C VAL A 89 -2.55 7.20 11.39
N ARG A 90 -2.78 7.47 10.11
CA ARG A 90 -4.11 7.37 9.52
C ARG A 90 -4.51 5.94 9.19
N ILE A 91 -5.82 5.71 9.13
CA ILE A 91 -6.36 4.39 8.83
C ILE A 91 -7.13 4.46 7.51
N TYR A 92 -6.80 3.58 6.57
CA TYR A 92 -7.47 3.52 5.28
C TYR A 92 -8.19 2.17 5.19
N VAL A 93 -9.50 2.23 4.91
CA VAL A 93 -10.30 1.02 4.83
C VAL A 93 -10.32 0.39 3.45
N ASP A 94 -10.14 -0.93 3.40
CA ASP A 94 -10.21 -1.66 2.14
C ASP A 94 -11.72 -1.86 1.90
N ALA A 95 -12.28 -1.08 0.98
CA ALA A 95 -13.71 -1.11 0.67
C ALA A 95 -14.03 -2.05 -0.47
N VAL A 96 -14.69 -3.16 -0.14
CA VAL A 96 -15.07 -4.16 -1.12
C VAL A 96 -16.55 -3.92 -1.39
N ILE A 97 -16.81 -3.13 -2.43
CA ILE A 97 -18.16 -2.71 -2.79
C ILE A 97 -18.67 -3.11 -4.18
N ASN A 98 -17.88 -3.89 -4.91
CA ASN A 98 -18.27 -4.32 -6.25
C ASN A 98 -19.17 -5.56 -6.18
N HIS A 99 -19.01 -6.35 -5.13
CA HIS A 99 -19.74 -7.62 -5.07
C HIS A 99 -19.98 -8.12 -3.66
N MET A 100 -20.69 -9.25 -3.58
CA MET A 100 -20.95 -9.93 -2.29
C MET A 100 -20.19 -11.26 -2.38
N THR A 101 -20.88 -12.40 -2.24
CA THR A 101 -20.17 -13.67 -2.29
C THR A 101 -20.29 -14.42 -3.62
N GLY A 102 -19.43 -15.42 -3.78
CA GLY A 102 -19.41 -16.23 -4.97
C GLY A 102 -19.96 -17.59 -4.64
N MET A 103 -20.41 -17.76 -3.38
CA MET A 103 -20.97 -19.02 -2.94
C MET A 103 -21.80 -18.83 -1.70
N ASN A 104 -22.62 -19.83 -1.39
CA ASN A 104 -23.46 -19.79 -0.22
C ASN A 104 -22.61 -19.99 1.04
N GLY A 105 -23.06 -19.43 2.15
CA GLY A 105 -22.32 -19.61 3.38
C GLY A 105 -22.83 -18.73 4.49
N VAL A 106 -21.98 -18.52 5.47
CA VAL A 106 -22.32 -17.69 6.60
C VAL A 106 -21.13 -16.73 6.80
N GLY A 107 -21.42 -15.53 7.28
CA GLY A 107 -20.38 -14.54 7.51
C GLY A 107 -19.75 -14.65 8.88
N THR A 108 -18.71 -13.86 9.09
CA THR A 108 -17.97 -13.83 10.35
C THR A 108 -18.81 -13.36 11.56
N SER A 109 -19.98 -12.78 11.31
CA SER A 109 -20.86 -12.35 12.39
C SER A 109 -22.14 -13.21 12.41
N GLY A 110 -22.09 -14.35 11.71
CA GLY A 110 -23.23 -15.25 11.66
C GLY A 110 -24.31 -14.95 10.61
N SER A 111 -24.17 -13.88 9.84
CA SER A 111 -25.17 -13.53 8.81
C SER A 111 -25.18 -14.54 7.67
N SER A 112 -26.34 -14.70 7.05
CA SER A 112 -26.47 -15.64 5.94
C SER A 112 -26.07 -15.01 4.62
N ALA A 113 -25.41 -15.81 3.80
CA ALA A 113 -24.98 -15.38 2.48
C ALA A 113 -25.63 -16.38 1.54
N ASP A 114 -26.72 -15.94 0.89
CA ASP A 114 -27.40 -16.79 -0.08
C ASP A 114 -26.99 -16.35 -1.48
N HIS A 115 -25.91 -16.94 -1.97
CA HIS A 115 -25.42 -16.62 -3.29
C HIS A 115 -26.45 -17.03 -4.33
N ASP A 116 -26.95 -18.26 -4.18
CA ASP A 116 -27.90 -18.81 -5.12
C ASP A 116 -29.16 -17.97 -5.36
N GLY A 117 -29.76 -17.49 -4.28
CA GLY A 117 -30.96 -16.67 -4.42
C GLY A 117 -30.66 -15.19 -4.36
N MET A 118 -29.36 -14.85 -4.29
CA MET A 118 -28.89 -13.47 -4.22
C MET A 118 -29.54 -12.72 -3.06
N ASN A 119 -29.54 -13.37 -1.90
CA ASN A 119 -30.09 -12.80 -0.67
C ASN A 119 -29.00 -12.65 0.37
N TYR A 120 -28.86 -11.42 0.86
CA TYR A 120 -27.90 -11.09 1.92
C TYR A 120 -28.74 -10.28 2.91
N PRO A 121 -29.47 -11.00 3.77
CA PRO A 121 -30.38 -10.50 4.80
C PRO A 121 -29.85 -9.44 5.73
N ALA A 122 -28.58 -9.54 6.10
CA ALA A 122 -27.99 -8.59 7.04
C ALA A 122 -27.76 -7.19 6.49
N VAL A 123 -27.89 -7.00 5.18
CA VAL A 123 -27.66 -5.68 4.62
C VAL A 123 -28.92 -4.80 4.72
N PRO A 124 -30.03 -5.19 4.07
CA PRO A 124 -30.24 -6.38 3.24
C PRO A 124 -30.17 -6.10 1.74
N TYR A 125 -29.77 -7.12 0.99
CA TYR A 125 -29.73 -7.05 -0.46
C TYR A 125 -30.56 -8.22 -0.95
N GLY A 126 -31.25 -8.00 -2.06
CA GLY A 126 -32.05 -9.04 -2.68
C GLY A 126 -31.63 -9.09 -4.14
N SER A 127 -32.21 -10.01 -4.91
CA SER A 127 -31.84 -10.15 -6.32
C SER A 127 -31.94 -8.86 -7.13
N GLY A 128 -32.87 -7.99 -6.74
CA GLY A 128 -33.05 -6.74 -7.44
C GLY A 128 -31.93 -5.74 -7.27
N ASP A 129 -30.99 -6.05 -6.38
CA ASP A 129 -29.87 -5.16 -6.11
C ASP A 129 -28.62 -5.55 -6.86
N PHE A 130 -28.72 -6.61 -7.64
CA PHE A 130 -27.58 -7.10 -8.41
C PHE A 130 -27.79 -6.99 -9.90
N HIS A 131 -26.71 -7.02 -10.66
CA HIS A 131 -26.82 -7.02 -12.11
C HIS A 131 -27.25 -8.43 -12.50
N SER A 132 -28.00 -8.56 -13.60
CA SER A 132 -28.42 -9.89 -14.01
C SER A 132 -27.14 -10.70 -14.27
N PRO A 133 -27.10 -11.92 -13.73
CA PRO A 133 -25.95 -12.80 -13.87
C PRO A 133 -25.40 -12.99 -15.28
N CYS A 134 -24.09 -12.86 -15.36
CA CYS A 134 -23.30 -13.07 -16.57
C CYS A 134 -21.85 -13.14 -16.09
N GLU A 135 -20.98 -13.69 -16.91
CA GLU A 135 -19.59 -13.85 -16.55
C GLU A 135 -18.69 -12.79 -17.16
N VAL A 136 -17.77 -12.27 -16.36
CA VAL A 136 -16.81 -11.32 -16.87
C VAL A 136 -15.85 -12.22 -17.64
N ASN A 137 -15.75 -12.01 -18.94
CA ASN A 137 -14.87 -12.83 -19.75
C ASN A 137 -14.27 -12.11 -20.94
N ASN A 138 -14.50 -10.81 -21.03
CA ASN A 138 -13.98 -10.05 -22.15
C ASN A 138 -13.56 -8.66 -21.70
N TYR A 139 -12.26 -8.50 -21.48
CA TYR A 139 -11.74 -7.22 -21.07
C TYR A 139 -11.67 -6.18 -22.18
N GLN A 140 -12.11 -6.57 -23.37
CA GLN A 140 -12.15 -5.64 -24.50
C GLN A 140 -13.59 -5.12 -24.58
N ASP A 141 -14.42 -5.54 -23.62
CA ASP A 141 -15.82 -5.12 -23.55
C ASP A 141 -16.01 -4.51 -22.15
N ALA A 142 -15.96 -3.18 -22.06
CA ALA A 142 -16.12 -2.47 -20.78
C ALA A 142 -17.38 -2.82 -20.00
N ASP A 143 -18.51 -2.94 -20.69
CA ASP A 143 -19.75 -3.30 -20.00
C ASP A 143 -19.74 -4.73 -19.46
N ASN A 144 -19.03 -5.61 -20.13
CA ASN A 144 -18.92 -6.98 -19.65
C ASN A 144 -18.11 -6.98 -18.35
N VAL A 145 -17.02 -6.22 -18.36
CA VAL A 145 -16.13 -6.11 -17.20
C VAL A 145 -16.84 -5.51 -15.98
N ARG A 146 -17.65 -4.50 -16.23
CA ARG A 146 -18.34 -3.80 -15.15
C ARG A 146 -19.68 -4.37 -14.72
N ASN A 147 -20.44 -4.91 -15.66
CA ASN A 147 -21.78 -5.41 -15.35
C ASN A 147 -21.97 -6.88 -15.10
N CYS A 148 -20.92 -7.67 -15.30
CA CYS A 148 -21.00 -9.08 -15.05
C CYS A 148 -20.26 -9.49 -13.76
N GLU A 149 -20.42 -10.75 -13.39
CA GLU A 149 -19.80 -11.31 -12.19
C GLU A 149 -18.35 -11.68 -12.39
N LEU A 150 -17.50 -11.14 -11.53
CA LEU A 150 -16.09 -11.43 -11.55
C LEU A 150 -15.97 -12.74 -10.80
N VAL A 151 -15.57 -13.78 -11.52
CA VAL A 151 -15.41 -15.12 -10.95
C VAL A 151 -16.57 -15.61 -10.08
N GLY A 152 -17.79 -15.39 -10.55
CA GLY A 152 -18.97 -15.84 -9.81
C GLY A 152 -19.44 -15.00 -8.64
N LEU A 153 -18.75 -13.90 -8.35
CA LEU A 153 -19.12 -13.03 -7.23
C LEU A 153 -20.32 -12.19 -7.64
N ARG A 154 -21.42 -12.31 -6.89
CA ARG A 154 -22.63 -11.56 -7.19
C ARG A 154 -22.29 -10.09 -7.32
N ASP A 155 -22.60 -9.56 -8.50
CA ASP A 155 -22.28 -8.19 -8.87
C ASP A 155 -23.29 -7.12 -8.52
N LEU A 156 -22.94 -6.28 -7.56
CA LEU A 156 -23.83 -5.22 -7.13
C LEU A 156 -24.11 -4.21 -8.21
N ASN A 157 -25.33 -3.68 -8.21
CA ASN A 157 -25.70 -2.68 -9.17
C ASN A 157 -25.58 -1.30 -8.49
N GLN A 158 -24.42 -0.66 -8.63
CA GLN A 158 -24.22 0.65 -8.02
C GLN A 158 -24.98 1.76 -8.77
N GLY A 159 -25.74 1.38 -9.80
CA GLY A 159 -26.53 2.35 -10.52
C GLY A 159 -27.81 2.59 -9.72
N SER A 160 -28.14 1.63 -8.86
CA SER A 160 -29.34 1.70 -8.02
C SER A 160 -29.21 2.70 -6.88
N ASP A 161 -30.25 3.50 -6.67
CA ASP A 161 -30.24 4.49 -5.60
C ASP A 161 -30.15 3.78 -4.25
N TYR A 162 -30.82 2.63 -4.15
CA TYR A 162 -30.78 1.87 -2.91
C TYR A 162 -29.35 1.43 -2.61
N VAL A 163 -28.73 0.75 -3.58
CA VAL A 163 -27.37 0.28 -3.41
C VAL A 163 -26.41 1.42 -3.10
N ARG A 164 -26.53 2.52 -3.84
CA ARG A 164 -25.67 3.67 -3.59
C ARG A 164 -25.80 4.14 -2.13
N GLY A 165 -27.04 4.19 -1.65
CA GLY A 165 -27.28 4.64 -0.29
C GLY A 165 -26.64 3.74 0.75
N VAL A 166 -26.76 2.43 0.54
CA VAL A 166 -26.19 1.44 1.44
C VAL A 166 -24.66 1.57 1.51
N LEU A 167 -24.05 1.76 0.34
CA LEU A 167 -22.60 1.89 0.26
C LEU A 167 -22.16 3.19 0.90
N ILE A 168 -22.89 4.26 0.63
CA ILE A 168 -22.57 5.56 1.22
C ILE A 168 -22.68 5.48 2.74
N ASP A 169 -23.74 4.86 3.25
CA ASP A 169 -23.92 4.72 4.68
C ASP A 169 -22.77 3.95 5.32
N TYR A 170 -22.35 2.86 4.67
CA TYR A 170 -21.23 2.06 5.16
C TYR A 170 -19.95 2.92 5.24
N MET A 171 -19.57 3.53 4.14
CA MET A 171 -18.35 4.33 4.12
C MET A 171 -18.42 5.53 5.08
N ASN A 172 -19.59 6.17 5.17
CA ASN A 172 -19.75 7.29 6.08
C ASN A 172 -19.62 6.83 7.52
N HIS A 173 -20.14 5.63 7.81
CA HIS A 173 -20.01 5.09 9.15
C HIS A 173 -18.52 4.95 9.47
N MET A 174 -17.73 4.52 8.48
CA MET A 174 -16.29 4.37 8.66
C MET A 174 -15.63 5.73 8.94
N ILE A 175 -16.06 6.74 8.19
CA ILE A 175 -15.54 8.09 8.38
C ILE A 175 -15.85 8.55 9.80
N ASP A 176 -17.07 8.25 10.27
CA ASP A 176 -17.48 8.62 11.62
C ASP A 176 -16.56 8.02 12.66
N LEU A 177 -16.08 6.83 12.37
CA LEU A 177 -15.19 6.10 13.26
C LEU A 177 -13.73 6.53 13.14
N GLY A 178 -13.47 7.60 12.38
CA GLY A 178 -12.13 8.13 12.25
C GLY A 178 -11.20 7.64 11.15
N VAL A 179 -11.73 7.01 10.12
CA VAL A 179 -10.84 6.57 9.05
C VAL A 179 -10.51 7.78 8.17
N ALA A 180 -9.37 7.71 7.49
CA ALA A 180 -8.89 8.79 6.64
C ALA A 180 -9.23 8.63 5.17
N GLY A 181 -9.62 7.43 4.77
CA GLY A 181 -9.92 7.22 3.38
C GLY A 181 -10.16 5.76 3.07
N PHE A 182 -10.16 5.45 1.77
CA PHE A 182 -10.45 4.10 1.33
C PHE A 182 -9.66 3.62 0.15
N ARG A 183 -9.34 2.34 0.19
CA ARG A 183 -8.71 1.64 -0.91
C ARG A 183 -9.96 1.03 -1.55
N VAL A 184 -10.28 1.41 -2.77
CA VAL A 184 -11.48 0.89 -3.43
C VAL A 184 -11.15 -0.36 -4.23
N ASP A 185 -11.61 -1.49 -3.71
CA ASP A 185 -11.37 -2.78 -4.34
C ASP A 185 -12.12 -2.93 -5.67
N ALA A 186 -11.45 -3.55 -6.63
CA ALA A 186 -12.03 -3.83 -7.96
C ALA A 186 -12.76 -2.66 -8.60
N ALA A 187 -12.12 -1.49 -8.58
CA ALA A 187 -12.70 -0.27 -9.13
C ALA A 187 -12.91 -0.42 -10.64
N LYS A 188 -12.05 -1.20 -11.29
CA LYS A 188 -12.16 -1.44 -12.73
C LYS A 188 -13.51 -2.08 -13.05
N HIS A 189 -14.02 -2.87 -12.11
CA HIS A 189 -15.29 -3.57 -12.27
C HIS A 189 -16.53 -2.76 -11.91
N MET A 190 -16.34 -1.46 -11.74
CA MET A 190 -17.46 -0.56 -11.45
C MET A 190 -17.39 0.64 -12.39
N SER A 191 -18.51 1.32 -12.56
CA SER A 191 -18.58 2.45 -13.45
C SER A 191 -18.17 3.74 -12.78
N PRO A 192 -17.26 4.48 -13.42
CA PRO A 192 -16.79 5.76 -12.87
C PRO A 192 -17.98 6.65 -12.53
N GLY A 193 -19.03 6.57 -13.34
CA GLY A 193 -20.21 7.38 -13.11
C GLY A 193 -20.88 7.11 -11.78
N ASP A 194 -20.98 5.83 -11.43
CA ASP A 194 -21.59 5.43 -10.18
C ASP A 194 -20.65 5.79 -9.03
N LEU A 195 -19.37 5.53 -9.24
CA LEU A 195 -18.36 5.82 -8.23
C LEU A 195 -18.30 7.30 -7.85
N SER A 196 -18.37 8.20 -8.83
CA SER A 196 -18.33 9.62 -8.54
C SER A 196 -19.49 10.05 -7.64
N VAL A 197 -20.68 9.52 -7.90
CA VAL A 197 -21.84 9.82 -7.09
C VAL A 197 -21.64 9.32 -5.65
N ILE A 198 -21.18 8.08 -5.52
CA ILE A 198 -20.94 7.49 -4.22
C ILE A 198 -19.92 8.30 -3.44
N PHE A 199 -18.77 8.56 -4.08
CA PHE A 199 -17.70 9.31 -3.45
C PHE A 199 -18.11 10.74 -3.06
N SER A 200 -18.95 11.35 -3.89
CA SER A 200 -19.44 12.69 -3.63
C SER A 200 -20.32 12.75 -2.40
N GLY A 201 -20.95 11.62 -2.09
CA GLY A 201 -21.83 11.55 -0.94
C GLY A 201 -21.12 11.32 0.38
N LEU A 202 -19.81 11.13 0.35
CA LEU A 202 -19.07 10.90 1.57
C LEU A 202 -18.90 12.21 2.31
N LYS A 203 -19.02 12.15 3.64
CA LYS A 203 -18.88 13.33 4.48
C LYS A 203 -17.40 13.67 4.70
N ASN A 204 -17.15 14.88 5.21
CA ASN A 204 -15.80 15.33 5.52
C ASN A 204 -15.31 14.47 6.68
N LEU A 205 -14.00 14.38 6.84
CA LEU A 205 -13.43 13.57 7.90
C LEU A 205 -13.77 14.13 9.28
N ASN A 206 -13.83 13.22 10.25
CA ASN A 206 -14.19 13.56 11.62
C ASN A 206 -13.07 14.29 12.35
N THR A 207 -13.26 15.59 12.57
CA THR A 207 -12.24 16.40 13.25
C THR A 207 -11.95 15.95 14.68
N ASP A 208 -12.84 15.16 15.28
CA ASP A 208 -12.61 14.66 16.63
C ASP A 208 -11.44 13.69 16.65
N TYR A 209 -11.03 13.25 15.46
CA TYR A 209 -9.90 12.33 15.35
C TYR A 209 -8.63 13.05 14.91
N GLY A 210 -8.64 14.37 15.00
CA GLY A 210 -7.44 15.15 14.66
C GLY A 210 -7.29 15.65 13.24
N PHE A 211 -8.28 15.38 12.39
CA PHE A 211 -8.21 15.84 11.01
C PHE A 211 -8.50 17.33 10.92
N ALA A 212 -7.91 17.98 9.92
CA ALA A 212 -8.13 19.39 9.68
C ALA A 212 -9.57 19.59 9.21
N ASP A 213 -10.10 20.79 9.44
CA ASP A 213 -11.46 21.11 9.01
C ASP A 213 -11.56 21.03 7.50
N GLY A 214 -12.66 20.48 7.00
CA GLY A 214 -12.85 20.39 5.57
C GLY A 214 -12.05 19.29 4.88
N ALA A 215 -11.39 18.43 5.64
CA ALA A 215 -10.62 17.35 5.05
C ALA A 215 -11.57 16.35 4.36
N ARG A 216 -11.20 15.90 3.17
CA ARG A 216 -12.00 14.95 2.40
C ARG A 216 -11.35 13.57 2.46
N PRO A 217 -12.16 12.49 2.51
CA PRO A 217 -11.54 11.16 2.54
C PRO A 217 -10.67 10.88 1.32
N PHE A 218 -9.50 10.30 1.58
CA PHE A 218 -8.56 9.95 0.54
C PHE A 218 -9.13 8.72 -0.18
N ILE A 219 -9.15 8.78 -1.50
CA ILE A 219 -9.68 7.70 -2.30
C ILE A 219 -8.60 7.20 -3.25
N TYR A 220 -8.23 5.93 -3.12
CA TYR A 220 -7.27 5.34 -4.07
C TYR A 220 -7.90 4.05 -4.55
N GLN A 221 -7.99 3.97 -5.87
CA GLN A 221 -8.70 2.91 -6.56
C GLN A 221 -7.91 1.82 -7.24
N GLU A 222 -8.31 0.59 -7.00
CA GLU A 222 -7.64 -0.54 -7.62
C GLU A 222 -8.14 -0.71 -9.05
N VAL A 223 -7.35 -0.24 -10.01
CA VAL A 223 -7.69 -0.39 -11.42
C VAL A 223 -6.46 -1.04 -12.02
N ILE A 224 -6.50 -2.36 -12.19
CA ILE A 224 -5.36 -3.07 -12.75
C ILE A 224 -5.34 -2.81 -14.26
N ASP A 225 -4.50 -1.87 -14.66
CA ASP A 225 -4.41 -1.50 -16.06
C ASP A 225 -2.98 -1.56 -16.54
N LEU A 226 -2.68 -2.62 -17.28
CA LEU A 226 -1.35 -2.80 -17.84
C LEU A 226 -1.42 -2.55 -19.35
N GLY A 227 -2.45 -1.79 -19.74
CA GLY A 227 -2.66 -1.41 -21.13
C GLY A 227 -3.40 -2.43 -21.99
N GLY A 228 -3.83 -1.98 -23.15
CA GLY A 228 -4.52 -2.85 -24.10
C GLY A 228 -5.83 -3.47 -23.70
N GLU A 229 -6.63 -2.75 -22.92
CA GLU A 229 -7.94 -3.24 -22.48
C GLU A 229 -8.93 -2.14 -22.77
N ALA A 230 -10.22 -2.47 -22.67
CA ALA A 230 -11.26 -1.50 -22.92
C ALA A 230 -11.34 -0.42 -21.83
N ILE A 231 -10.91 -0.75 -20.61
CA ILE A 231 -10.96 0.23 -19.52
C ILE A 231 -9.57 0.78 -19.22
N SER A 232 -9.52 2.06 -18.91
CA SER A 232 -8.27 2.75 -18.63
C SER A 232 -8.26 3.37 -17.24
N LYS A 233 -7.09 3.35 -16.63
CA LYS A 233 -6.88 3.94 -15.31
C LYS A 233 -7.23 5.43 -15.38
N ASN A 234 -7.04 6.04 -16.54
CA ASN A 234 -7.34 7.46 -16.73
C ASN A 234 -8.80 7.81 -16.52
N GLU A 235 -9.67 6.81 -16.60
CA GLU A 235 -11.11 7.04 -16.41
C GLU A 235 -11.48 7.29 -14.95
N TYR A 236 -10.56 6.97 -14.05
CA TYR A 236 -10.81 7.07 -12.63
C TYR A 236 -10.10 8.18 -11.88
N THR A 237 -9.17 8.86 -12.55
CA THR A 237 -8.41 9.92 -11.89
C THR A 237 -9.16 11.20 -11.59
N GLY A 238 -10.37 11.34 -12.12
CA GLY A 238 -11.12 12.54 -11.87
C GLY A 238 -11.61 12.71 -10.45
N PHE A 239 -11.87 11.60 -9.76
CA PHE A 239 -12.40 11.66 -8.39
C PHE A 239 -11.60 10.98 -7.29
N GLY A 240 -10.32 10.77 -7.53
CA GLY A 240 -9.50 10.13 -6.53
C GLY A 240 -8.25 9.58 -7.18
N CYS A 241 -7.34 9.10 -6.36
CA CYS A 241 -6.11 8.52 -6.87
C CYS A 241 -6.37 7.11 -7.38
N VAL A 242 -5.42 6.61 -8.15
CA VAL A 242 -5.53 5.28 -8.71
C VAL A 242 -4.26 4.54 -8.38
N LEU A 243 -4.41 3.28 -7.98
CA LEU A 243 -3.27 2.43 -7.68
C LEU A 243 -2.58 2.15 -9.02
N GLU A 244 -1.31 2.50 -9.11
CA GLU A 244 -0.54 2.35 -10.33
C GLU A 244 0.15 0.98 -10.40
N PHE A 245 -0.43 0.07 -11.18
CA PHE A 245 0.12 -1.27 -11.33
C PHE A 245 1.29 -1.38 -12.30
N GLN A 246 1.35 -0.48 -13.27
CA GLN A 246 2.45 -0.47 -14.24
C GLN A 246 3.75 -0.15 -13.49
N PHE A 247 3.63 0.65 -12.43
CA PHE A 247 4.78 1.03 -11.61
C PHE A 247 5.57 -0.20 -11.14
N GLY A 248 4.91 -1.13 -10.47
CA GLY A 248 5.56 -2.31 -9.96
C GLY A 248 6.08 -3.25 -11.03
N VAL A 249 5.36 -3.35 -12.14
CA VAL A 249 5.79 -4.22 -13.23
C VAL A 249 7.08 -3.67 -13.82
N SER A 250 7.10 -2.38 -14.13
CA SER A 250 8.28 -1.73 -14.70
C SER A 250 9.49 -1.73 -13.78
N LEU A 251 9.28 -1.41 -12.51
CA LEU A 251 10.38 -1.40 -11.53
C LEU A 251 10.86 -2.81 -11.24
N GLY A 252 9.92 -3.74 -11.11
CA GLY A 252 10.23 -5.13 -10.84
C GLY A 252 11.10 -5.68 -11.96
N ASN A 253 10.76 -5.33 -13.19
CA ASN A 253 11.53 -5.77 -14.35
C ASN A 253 12.92 -5.17 -14.32
N ALA A 254 12.98 -3.85 -14.13
CA ALA A 254 14.25 -3.12 -14.11
C ALA A 254 15.21 -3.60 -13.03
N PHE A 255 14.73 -3.72 -11.79
CA PHE A 255 15.60 -4.16 -10.72
C PHE A 255 15.97 -5.61 -10.77
N GLN A 256 15.34 -6.35 -11.68
CA GLN A 256 15.68 -7.75 -11.86
C GLN A 256 16.58 -7.88 -13.11
N GLY A 257 17.07 -6.75 -13.59
CA GLY A 257 17.95 -6.75 -14.75
C GLY A 257 17.28 -6.81 -16.10
N GLY A 258 15.96 -6.64 -16.14
CA GLY A 258 15.25 -6.67 -17.41
C GLY A 258 15.40 -5.36 -18.15
N ASN A 259 16.04 -4.39 -17.49
CA ASN A 259 16.25 -3.07 -18.07
C ASN A 259 17.44 -2.46 -17.34
N GLN A 260 18.12 -1.50 -17.96
CA GLN A 260 19.26 -0.84 -17.31
C GLN A 260 18.78 0.29 -16.43
N LEU A 261 19.33 0.39 -15.23
CA LEU A 261 18.96 1.42 -14.27
C LEU A 261 19.10 2.82 -14.81
N LYS A 262 20.07 3.04 -15.70
CA LYS A 262 20.27 4.36 -16.30
C LYS A 262 18.99 4.87 -16.97
N ASN A 263 18.13 3.95 -17.39
CA ASN A 263 16.87 4.31 -18.04
C ASN A 263 15.84 4.94 -17.12
N LEU A 264 16.03 4.81 -15.80
CA LEU A 264 15.11 5.37 -14.83
C LEU A 264 15.27 6.88 -14.70
N ALA A 265 16.22 7.44 -15.44
CA ALA A 265 16.45 8.88 -15.42
C ALA A 265 15.16 9.68 -15.65
N ASN A 266 14.29 9.18 -16.53
CA ASN A 266 13.03 9.88 -16.82
C ASN A 266 11.82 9.13 -16.26
N TRP A 267 12.03 8.41 -15.16
CA TRP A 267 10.97 7.65 -14.52
C TRP A 267 9.81 8.58 -14.22
N GLY A 268 8.62 8.15 -14.60
CA GLY A 268 7.43 8.96 -14.38
C GLY A 268 6.46 8.75 -15.53
N PRO A 269 5.58 9.74 -15.79
CA PRO A 269 4.59 9.68 -16.88
C PRO A 269 5.13 9.21 -18.22
N GLU A 270 6.40 9.51 -18.50
CA GLU A 270 7.02 9.08 -19.76
C GLU A 270 7.06 7.57 -19.92
N TRP A 271 7.03 6.85 -18.80
CA TRP A 271 7.03 5.40 -18.85
C TRP A 271 5.62 4.87 -18.96
N GLY A 272 4.67 5.75 -19.22
CA GLY A 272 3.28 5.33 -19.36
C GLY A 272 2.54 5.27 -18.04
N LEU A 273 3.12 5.90 -17.01
CA LEU A 273 2.51 5.93 -15.70
C LEU A 273 1.58 7.13 -15.60
N LEU A 274 0.72 7.13 -14.59
CA LEU A 274 -0.18 8.23 -14.34
C LEU A 274 0.68 9.40 -13.86
N GLU A 275 0.11 10.59 -13.80
CA GLU A 275 0.85 11.71 -13.26
C GLU A 275 0.99 11.37 -11.77
N GLY A 276 2.13 11.73 -11.17
CA GLY A 276 2.41 11.45 -9.78
C GLY A 276 1.32 11.76 -8.76
N LEU A 277 0.70 12.93 -8.89
CA LEU A 277 -0.33 13.32 -7.94
C LEU A 277 -1.58 12.45 -7.97
N ASP A 278 -1.75 11.70 -9.04
CA ASP A 278 -2.91 10.84 -9.19
C ASP A 278 -2.60 9.40 -8.83
N ALA A 279 -1.35 9.13 -8.48
CA ALA A 279 -0.94 7.77 -8.24
C ALA A 279 -0.56 7.33 -6.84
N VAL A 280 -0.95 6.10 -6.50
CA VAL A 280 -0.54 5.47 -5.24
C VAL A 280 0.30 4.33 -5.79
N VAL A 281 1.55 4.30 -5.40
CA VAL A 281 2.51 3.32 -5.90
C VAL A 281 2.94 2.30 -4.86
N PHE A 282 3.44 1.18 -5.35
CA PHE A 282 3.86 0.08 -4.51
C PHE A 282 4.64 -0.91 -5.37
N VAL A 283 5.57 -1.63 -4.75
CA VAL A 283 6.38 -2.62 -5.47
C VAL A 283 5.56 -3.91 -5.63
N ASP A 284 4.90 -4.33 -4.55
CA ASP A 284 4.04 -5.51 -4.60
C ASP A 284 2.82 -5.29 -3.70
N ASN A 285 1.76 -6.02 -3.96
CA ASN A 285 0.57 -5.93 -3.13
C ASN A 285 0.14 -7.33 -2.73
N HIS A 286 -0.93 -7.45 -1.97
CA HIS A 286 -1.37 -8.75 -1.48
C HIS A 286 -1.73 -9.75 -2.57
N ASP A 287 -2.24 -9.24 -3.69
CA ASP A 287 -2.62 -10.10 -4.80
C ASP A 287 -1.44 -10.55 -5.63
N ASN A 288 -0.73 -9.57 -6.19
CA ASN A 288 0.39 -9.86 -7.08
C ASN A 288 1.63 -10.49 -6.47
N GLN A 289 1.73 -10.50 -5.14
CA GLN A 289 2.88 -11.18 -4.53
C GLN A 289 2.59 -12.69 -4.63
N ARG A 290 1.33 -13.04 -4.90
CA ARG A 290 0.92 -14.43 -5.05
C ARG A 290 0.85 -14.83 -6.52
N THR A 291 0.16 -14.04 -7.31
CA THR A 291 -0.04 -14.37 -8.71
C THR A 291 0.47 -13.35 -9.71
N GLY A 292 1.34 -12.46 -9.27
CA GLY A 292 1.85 -11.42 -10.16
C GLY A 292 2.73 -11.86 -11.29
N GLY A 293 3.27 -13.07 -11.21
CA GLY A 293 4.15 -13.55 -12.24
C GLY A 293 5.58 -13.16 -11.89
N SER A 294 6.51 -13.55 -12.73
CA SER A 294 7.92 -13.28 -12.51
C SER A 294 8.42 -11.82 -12.42
N GLN A 295 7.70 -10.88 -13.01
CA GLN A 295 8.14 -9.48 -13.01
C GLN A 295 8.03 -8.79 -11.65
N ILE A 296 7.14 -9.30 -10.81
CA ILE A 296 6.89 -8.72 -9.50
C ILE A 296 7.91 -9.12 -8.43
N LEU A 297 8.46 -8.13 -7.75
CA LEU A 297 9.41 -8.34 -6.67
C LEU A 297 8.67 -8.45 -5.35
N THR A 298 9.06 -9.41 -4.52
CA THR A 298 8.43 -9.62 -3.21
C THR A 298 9.51 -9.93 -2.18
N TYR A 299 9.10 -10.11 -0.93
CA TYR A 299 10.04 -10.41 0.15
C TYR A 299 10.86 -11.66 -0.11
N LYS A 300 10.40 -12.51 -1.04
CA LYS A 300 11.07 -13.75 -1.38
C LYS A 300 12.33 -13.56 -2.22
N ASN A 301 12.53 -12.35 -2.73
CA ASN A 301 13.71 -11.98 -3.52
C ASN A 301 14.12 -10.65 -2.87
N PRO A 302 14.59 -10.73 -1.61
CA PRO A 302 15.01 -9.61 -0.76
C PRO A 302 15.87 -8.50 -1.30
N LYS A 303 17.03 -8.82 -1.88
CA LYS A 303 17.91 -7.76 -2.34
C LYS A 303 17.33 -6.79 -3.38
N PRO A 304 16.87 -7.31 -4.53
CA PRO A 304 16.30 -6.38 -5.52
C PRO A 304 14.98 -5.77 -5.04
N TYR A 305 14.28 -6.48 -4.16
CA TYR A 305 13.02 -6.01 -3.59
C TYR A 305 13.28 -4.74 -2.78
N LYS A 306 14.29 -4.78 -1.90
CA LYS A 306 14.63 -3.62 -1.07
C LYS A 306 15.13 -2.47 -1.93
N MET A 307 15.85 -2.79 -3.00
CA MET A 307 16.33 -1.74 -3.90
C MET A 307 15.14 -1.04 -4.53
N ALA A 308 14.16 -1.82 -4.99
CA ALA A 308 12.98 -1.27 -5.64
C ALA A 308 12.20 -0.38 -4.66
N ILE A 309 12.08 -0.84 -3.42
CA ILE A 309 11.37 -0.09 -2.40
C ILE A 309 12.15 1.19 -2.11
N ALA A 310 13.47 1.10 -2.05
CA ALA A 310 14.31 2.26 -1.77
C ALA A 310 14.17 3.30 -2.87
N PHE A 311 14.11 2.84 -4.12
CA PHE A 311 13.96 3.75 -5.24
C PHE A 311 12.58 4.43 -5.15
N MET A 312 11.57 3.64 -4.84
CA MET A 312 10.21 4.18 -4.70
C MET A 312 10.16 5.26 -3.63
N LEU A 313 10.73 4.95 -2.46
CA LEU A 313 10.73 5.89 -1.35
C LEU A 313 11.63 7.10 -1.55
N ALA A 314 12.66 6.96 -2.35
CA ALA A 314 13.59 8.06 -2.62
C ALA A 314 13.09 8.99 -3.73
N HIS A 315 12.31 8.45 -4.66
CA HIS A 315 11.79 9.21 -5.80
C HIS A 315 10.53 10.01 -5.44
N PRO A 316 10.41 11.25 -5.95
CA PRO A 316 9.22 12.04 -5.60
C PRO A 316 7.89 11.58 -6.17
N TYR A 317 7.92 10.66 -7.13
CA TYR A 317 6.69 10.21 -7.77
C TYR A 317 5.72 9.47 -6.85
N GLY A 318 4.47 9.97 -6.81
CA GLY A 318 3.36 9.38 -6.09
C GLY A 318 3.31 9.23 -4.57
N THR A 319 2.19 8.69 -4.10
CA THR A 319 1.97 8.41 -2.69
C THR A 319 2.37 6.95 -2.59
N THR A 320 3.21 6.64 -1.62
CA THR A 320 3.78 5.31 -1.49
C THR A 320 3.10 4.38 -0.49
N ARG A 321 3.00 3.11 -0.87
CA ARG A 321 2.41 2.10 -0.02
C ARG A 321 3.40 0.95 0.10
N ILE A 322 3.53 0.43 1.32
CA ILE A 322 4.45 -0.65 1.62
C ILE A 322 3.68 -1.89 2.06
N MET A 323 3.93 -3.01 1.42
CA MET A 323 3.29 -4.27 1.78
C MET A 323 3.90 -4.86 3.07
N SER A 324 3.06 -5.43 3.93
CA SER A 324 3.54 -6.09 5.14
C SER A 324 2.79 -7.44 5.10
N SER A 325 3.54 -8.47 4.77
CA SER A 325 3.01 -9.81 4.57
C SER A 325 3.14 -10.80 5.69
N PHE A 326 2.40 -11.91 5.55
CA PHE A 326 2.53 -13.04 6.43
C PHE A 326 3.23 -14.03 5.49
N ASP A 327 4.14 -14.82 6.04
CA ASP A 327 4.89 -15.77 5.26
C ASP A 327 3.97 -16.86 4.70
N PHE A 328 4.11 -17.14 3.40
CA PHE A 328 3.26 -18.13 2.77
C PHE A 328 3.99 -18.96 1.73
N THR A 329 3.53 -20.19 1.58
CA THR A 329 4.11 -21.12 0.60
C THR A 329 3.03 -21.48 -0.42
N ASP A 330 1.78 -21.29 -0.03
CA ASP A 330 0.65 -21.60 -0.87
C ASP A 330 -0.17 -20.32 -1.08
N ASN A 331 -0.60 -20.09 -2.30
CA ASN A 331 -1.39 -18.90 -2.63
C ASN A 331 -2.74 -18.80 -1.93
N ASP A 332 -3.29 -19.92 -1.47
CA ASP A 332 -4.60 -19.88 -0.80
C ASP A 332 -4.48 -19.77 0.70
N GLN A 333 -3.27 -20.04 1.19
CA GLN A 333 -2.96 -20.03 2.60
C GLN A 333 -3.45 -18.78 3.34
N GLY A 334 -4.17 -18.98 4.43
CA GLY A 334 -4.66 -17.87 5.20
C GLY A 334 -3.59 -17.49 6.21
N PRO A 335 -3.77 -16.39 6.96
CA PRO A 335 -2.78 -15.96 7.97
C PRO A 335 -2.67 -16.96 9.12
N PRO A 336 -1.60 -16.84 9.95
CA PRO A 336 -1.40 -17.73 11.10
C PRO A 336 -2.66 -17.77 11.96
N GLN A 337 -3.13 -18.97 12.29
CA GLN A 337 -4.36 -19.12 13.09
C GLN A 337 -4.23 -20.28 14.06
N ASP A 338 -5.03 -20.26 15.12
CA ASP A 338 -5.02 -21.34 16.10
C ASP A 338 -6.02 -22.43 15.70
N GLY A 339 -6.27 -23.37 16.60
CA GLY A 339 -7.18 -24.46 16.34
C GLY A 339 -8.64 -24.08 16.17
N SER A 340 -9.02 -22.91 16.63
CA SER A 340 -10.40 -22.44 16.51
C SER A 340 -10.56 -21.46 15.37
N GLY A 341 -9.51 -21.26 14.59
CA GLY A 341 -9.59 -20.34 13.47
C GLY A 341 -9.33 -18.89 13.85
N ASN A 342 -8.91 -18.65 15.08
CA ASN A 342 -8.63 -17.27 15.49
C ASN A 342 -7.23 -16.89 15.02
N LEU A 343 -7.07 -15.63 14.63
CA LEU A 343 -5.76 -15.15 14.17
C LEU A 343 -4.73 -15.10 15.30
N ILE A 344 -3.50 -15.48 14.96
CA ILE A 344 -2.40 -15.42 15.91
C ILE A 344 -1.74 -14.07 15.66
N SER A 345 -1.63 -13.27 16.70
CA SER A 345 -1.03 -11.95 16.56
C SER A 345 0.47 -11.97 16.30
N PRO A 346 0.97 -10.97 15.56
CA PRO A 346 2.40 -10.93 15.30
C PRO A 346 3.02 -10.59 16.65
N GLY A 347 4.17 -11.19 16.96
CA GLY A 347 4.85 -10.88 18.19
C GLY A 347 6.09 -10.12 17.73
N ILE A 348 6.71 -9.37 18.63
CA ILE A 348 7.91 -8.63 18.24
C ILE A 348 9.12 -9.28 18.90
N ASN A 349 10.06 -9.72 18.08
CA ASN A 349 11.28 -10.37 18.55
C ASN A 349 12.26 -9.37 19.17
N ASP A 350 13.30 -9.87 19.82
CA ASP A 350 14.29 -9.00 20.45
C ASP A 350 15.10 -8.17 19.46
N ASP A 351 15.06 -8.55 18.19
CA ASP A 351 15.78 -7.80 17.16
C ASP A 351 14.81 -6.90 16.38
N ASN A 352 13.62 -6.71 16.94
CA ASN A 352 12.59 -5.87 16.33
C ASN A 352 11.89 -6.37 15.09
N THR A 353 12.10 -7.65 14.78
CA THR A 353 11.45 -8.30 13.64
C THR A 353 10.20 -8.97 14.22
N CYS A 354 9.37 -9.55 13.36
CA CYS A 354 8.16 -10.20 13.86
C CYS A 354 8.26 -11.70 13.98
N SER A 355 7.55 -12.23 14.96
CA SER A 355 7.51 -13.66 15.17
C SER A 355 6.14 -14.11 14.65
N ASN A 356 5.88 -15.41 14.78
CA ASN A 356 4.61 -16.04 14.42
C ASN A 356 4.23 -16.12 12.96
N GLY A 357 5.21 -15.96 12.09
CA GLY A 357 4.93 -16.08 10.68
C GLY A 357 4.65 -14.81 9.91
N TYR A 358 4.94 -13.66 10.51
CA TYR A 358 4.71 -12.40 9.82
C TYR A 358 6.05 -11.90 9.32
N VAL A 359 6.09 -11.49 8.05
CA VAL A 359 7.32 -10.98 7.45
C VAL A 359 7.69 -9.58 7.93
N CYS A 360 6.67 -8.75 8.15
CA CYS A 360 6.85 -7.38 8.63
C CYS A 360 7.92 -6.61 7.87
N GLU A 361 7.74 -6.49 6.56
CA GLU A 361 8.68 -5.76 5.71
C GLU A 361 8.83 -4.33 6.20
N HIS A 362 7.77 -3.80 6.78
CA HIS A 362 7.81 -2.42 7.26
C HIS A 362 8.79 -2.23 8.41
N ARG A 363 9.17 -3.33 9.04
CA ARG A 363 10.11 -3.30 10.16
C ARG A 363 11.54 -3.54 9.72
N TRP A 364 11.74 -3.77 8.43
CA TRP A 364 13.08 -3.98 7.90
C TRP A 364 13.79 -2.62 7.98
N ARG A 365 15.03 -2.63 8.44
CA ARG A 365 15.81 -1.39 8.57
C ARG A 365 15.86 -0.62 7.26
N GLN A 366 16.03 -1.34 6.16
CA GLN A 366 16.14 -0.73 4.85
C GLN A 366 14.83 -0.05 4.42
N VAL A 367 13.70 -0.56 4.92
CA VAL A 367 12.41 0.00 4.60
C VAL A 367 12.09 1.20 5.50
N TYR A 368 12.13 1.04 6.81
CA TYR A 368 11.83 2.18 7.66
C TYR A 368 12.91 3.28 7.54
N GLY A 369 14.13 2.87 7.18
CA GLY A 369 15.19 3.83 6.98
C GLY A 369 14.83 4.73 5.82
N MET A 370 14.23 4.16 4.79
CA MET A 370 13.84 4.93 3.62
C MET A 370 12.58 5.78 3.82
N VAL A 371 11.73 5.37 4.76
CA VAL A 371 10.55 6.17 5.10
C VAL A 371 11.12 7.42 5.78
N GLY A 372 12.18 7.22 6.57
CA GLY A 372 12.84 8.33 7.24
C GLY A 372 13.44 9.25 6.19
N PHE A 373 14.04 8.65 5.18
CA PHE A 373 14.64 9.39 4.08
C PHE A 373 13.59 10.25 3.41
N ARG A 374 12.45 9.64 3.07
CA ARG A 374 11.38 10.36 2.40
C ARG A 374 10.90 11.56 3.23
N ASN A 375 10.86 11.41 4.55
CA ASN A 375 10.46 12.52 5.41
C ASN A 375 11.48 13.65 5.40
N ALA A 376 12.75 13.29 5.41
CA ALA A 376 13.84 14.28 5.43
C ALA A 376 13.96 15.09 4.14
N VAL A 377 13.52 14.53 3.02
CA VAL A 377 13.65 15.20 1.73
C VAL A 377 12.37 15.84 1.22
N GLU A 378 11.39 15.96 2.10
CA GLU A 378 10.12 16.54 1.72
C GLU A 378 10.28 17.89 1.03
N GLY A 379 9.61 18.04 -0.10
CA GLY A 379 9.63 19.27 -0.86
C GLY A 379 10.71 19.44 -1.91
N THR A 380 11.60 18.47 -2.01
CA THR A 380 12.70 18.56 -2.97
C THR A 380 12.40 17.83 -4.27
N GLN A 381 13.26 18.08 -5.25
CA GLN A 381 13.13 17.44 -6.54
C GLN A 381 14.40 16.64 -6.72
N VAL A 382 14.41 15.78 -7.73
CA VAL A 382 15.58 14.97 -8.03
C VAL A 382 16.62 15.91 -8.64
N GLU A 383 17.86 15.82 -8.16
CA GLU A 383 18.94 16.64 -8.67
C GLU A 383 20.19 15.79 -8.67
N ASN A 384 21.24 16.28 -9.32
CA ASN A 384 22.52 15.57 -9.38
C ASN A 384 22.39 14.14 -9.86
N TRP A 385 21.53 13.92 -10.83
CA TRP A 385 21.35 12.57 -11.37
C TRP A 385 22.68 12.15 -11.95
N TRP A 386 23.04 10.89 -11.70
CA TRP A 386 24.26 10.34 -12.21
C TRP A 386 24.03 8.88 -12.53
N SER A 387 24.76 8.39 -13.52
CA SER A 387 24.68 6.99 -13.89
C SER A 387 25.94 6.68 -14.67
N ASN A 388 26.30 5.40 -14.68
CA ASN A 388 27.48 4.93 -15.39
C ASN A 388 27.03 4.45 -16.79
N ASP A 389 25.88 4.94 -17.23
CA ASP A 389 25.32 4.56 -18.53
C ASP A 389 25.02 3.05 -18.57
N ASP A 390 24.89 2.44 -17.41
CA ASP A 390 24.58 1.03 -17.33
C ASP A 390 23.66 0.73 -16.14
N ASN A 391 24.18 0.10 -15.11
CA ASN A 391 23.36 -0.27 -13.96
C ASN A 391 23.69 0.38 -12.64
N GLN A 392 24.34 1.54 -12.71
CA GLN A 392 24.69 2.28 -11.52
C GLN A 392 24.09 3.67 -11.69
N ILE A 393 23.30 4.08 -10.71
CA ILE A 393 22.67 5.38 -10.72
C ILE A 393 22.75 6.02 -9.34
N ALA A 394 22.60 7.33 -9.31
CA ALA A 394 22.65 8.07 -8.07
C ALA A 394 21.98 9.38 -8.32
N PHE A 395 21.37 9.93 -7.27
CA PHE A 395 20.72 11.21 -7.37
C PHE A 395 20.44 11.76 -5.99
N SER A 396 20.29 13.06 -5.92
CA SER A 396 19.99 13.72 -4.66
C SER A 396 18.57 14.22 -4.73
N ARG A 397 18.00 14.46 -3.56
CA ARG A 397 16.68 15.00 -3.43
C ARG A 397 17.02 16.37 -2.85
N GLY A 398 17.11 17.36 -3.73
CA GLY A 398 17.49 18.71 -3.31
C GLY A 398 18.85 18.59 -2.64
N SER A 399 19.00 19.21 -1.47
CA SER A 399 20.26 19.11 -0.75
C SER A 399 19.96 18.50 0.61
N GLN A 400 18.93 17.65 0.62
CA GLN A 400 18.46 16.99 1.85
C GLN A 400 18.74 15.50 1.92
N GLY A 401 18.95 14.87 0.77
CA GLY A 401 19.22 13.44 0.77
C GLY A 401 19.91 13.00 -0.50
N PHE A 402 20.57 11.84 -0.43
CA PHE A 402 21.29 11.29 -1.55
C PHE A 402 21.15 9.78 -1.52
N VAL A 403 20.96 9.19 -2.69
CA VAL A 403 20.81 7.75 -2.80
C VAL A 403 21.61 7.25 -4.01
N ALA A 404 22.16 6.06 -3.89
CA ALA A 404 22.96 5.44 -4.95
C ALA A 404 22.58 3.98 -5.02
N PHE A 405 22.61 3.42 -6.23
CA PHE A 405 22.26 2.03 -6.49
C PHE A 405 23.24 1.41 -7.46
N THR A 406 23.37 0.09 -7.36
CA THR A 406 24.17 -0.63 -8.32
C THR A 406 23.54 -1.99 -8.51
N ASN A 407 23.23 -2.30 -9.75
CA ASN A 407 22.69 -3.58 -10.10
C ASN A 407 23.68 -4.17 -11.10
N GLY A 408 24.93 -3.74 -10.99
CA GLY A 408 25.95 -4.21 -11.88
C GLY A 408 27.30 -3.56 -11.61
N GLY A 409 28.19 -4.33 -10.99
CA GLY A 409 29.52 -3.83 -10.69
C GLY A 409 29.59 -3.03 -9.42
N ASP A 410 30.81 -2.79 -8.95
CA ASP A 410 31.01 -2.02 -7.74
C ASP A 410 30.97 -0.55 -8.06
N LEU A 411 30.28 0.20 -7.23
CA LEU A 411 30.19 1.62 -7.43
C LEU A 411 31.25 2.24 -6.52
N ASN A 412 32.22 2.88 -7.15
CA ASN A 412 33.29 3.56 -6.44
C ASN A 412 33.46 4.82 -7.26
N GLN A 413 32.86 5.90 -6.78
CA GLN A 413 32.92 7.17 -7.50
C GLN A 413 32.82 8.28 -6.50
N ASN A 414 33.37 9.43 -6.86
CA ASN A 414 33.26 10.60 -6.02
C ASN A 414 32.10 11.31 -6.71
N LEU A 415 30.98 11.44 -6.01
CA LEU A 415 29.82 12.08 -6.60
C LEU A 415 29.37 13.31 -5.85
N ASN A 416 28.72 14.23 -6.55
CA ASN A 416 28.20 15.43 -5.90
C ASN A 416 26.86 15.01 -5.29
N THR A 417 26.87 14.87 -3.98
CA THR A 417 25.67 14.47 -3.24
C THR A 417 24.73 15.65 -3.04
N GLY A 418 25.25 16.85 -3.29
CA GLY A 418 24.45 18.05 -3.10
C GLY A 418 24.16 18.32 -1.63
N LEU A 419 24.76 17.53 -0.74
CA LEU A 419 24.53 17.67 0.69
C LEU A 419 25.56 18.54 1.39
N PRO A 420 25.19 19.08 2.56
CA PRO A 420 26.10 19.93 3.34
C PRO A 420 27.24 19.04 3.80
N ALA A 421 28.41 19.64 4.05
CA ALA A 421 29.57 18.88 4.52
C ALA A 421 29.26 18.21 5.85
N GLY A 422 29.73 16.99 6.04
CA GLY A 422 29.48 16.30 7.28
C GLY A 422 29.54 14.79 7.12
N THR A 423 29.37 14.06 8.21
CA THR A 423 29.39 12.62 8.17
C THR A 423 27.96 12.14 8.32
N TYR A 424 27.53 11.35 7.35
CA TYR A 424 26.18 10.82 7.29
C TYR A 424 26.13 9.33 7.46
N CYS A 425 25.15 8.85 8.21
CA CYS A 425 24.98 7.43 8.42
C CYS A 425 24.13 6.86 7.31
N ASP A 426 24.65 5.84 6.64
CA ASP A 426 23.89 5.18 5.58
C ASP A 426 22.71 4.52 6.31
N VAL A 427 21.49 4.85 5.91
CA VAL A 427 20.30 4.30 6.56
C VAL A 427 19.87 2.93 6.05
N ILE A 428 20.62 2.40 5.09
CA ILE A 428 20.33 1.07 4.54
C ILE A 428 21.10 0.04 5.37
N SER A 429 22.40 0.28 5.54
CA SER A 429 23.25 -0.62 6.31
C SER A 429 23.17 -0.40 7.82
N GLY A 430 22.60 0.71 8.24
CA GLY A 430 22.48 0.97 9.67
C GLY A 430 21.62 2.17 9.93
N GLU A 431 21.96 2.90 10.98
CA GLU A 431 21.23 4.11 11.35
C GLU A 431 22.02 4.90 12.37
N LEU A 432 21.59 6.13 12.60
CA LEU A 432 22.24 7.00 13.57
C LEU A 432 21.71 6.54 14.92
N SER A 433 22.60 6.07 15.77
CA SER A 433 22.21 5.60 17.08
C SER A 433 23.24 6.05 18.10
N GLY A 434 22.76 6.69 19.16
CA GLY A 434 23.62 7.15 20.23
C GLY A 434 24.76 8.04 19.80
N GLY A 435 24.52 8.90 18.83
CA GLY A 435 25.54 9.82 18.34
C GLY A 435 26.57 9.20 17.41
N SER A 436 26.26 8.03 16.87
CA SER A 436 27.18 7.34 15.96
C SER A 436 26.40 6.56 14.92
N CYS A 437 27.07 6.13 13.86
CA CYS A 437 26.46 5.36 12.80
C CYS A 437 26.65 3.89 13.10
N THR A 438 25.57 3.11 13.04
CA THR A 438 25.68 1.69 13.30
C THR A 438 26.19 0.93 12.08
N GLY A 439 26.10 1.55 10.90
CA GLY A 439 26.54 0.92 9.69
C GLY A 439 27.57 1.76 8.97
N LYS A 440 27.48 1.80 7.64
CA LYS A 440 28.41 2.59 6.85
C LYS A 440 28.12 4.07 7.06
N SER A 441 29.14 4.89 6.86
CA SER A 441 29.00 6.34 6.97
C SER A 441 29.63 6.92 5.72
N VAL A 442 29.18 8.12 5.35
CA VAL A 442 29.70 8.77 4.17
C VAL A 442 30.10 10.17 4.57
N THR A 443 31.32 10.55 4.21
CA THR A 443 31.80 11.88 4.54
C THR A 443 31.65 12.78 3.33
N VAL A 444 30.85 13.83 3.49
CA VAL A 444 30.60 14.79 2.42
C VAL A 444 31.47 16.00 2.65
N GLY A 445 32.21 16.37 1.60
CA GLY A 445 33.11 17.51 1.67
C GLY A 445 32.39 18.84 1.49
N ASP A 446 33.15 19.93 1.55
CA ASP A 446 32.62 21.29 1.41
C ASP A 446 31.83 21.52 0.12
N ASN A 447 32.31 20.91 -0.96
CA ASN A 447 31.68 21.04 -2.26
C ASN A 447 30.59 19.99 -2.51
N GLY A 448 30.06 19.40 -1.44
CA GLY A 448 29.03 18.40 -1.57
C GLY A 448 29.47 17.08 -2.19
N SER A 449 30.72 16.99 -2.63
CA SER A 449 31.21 15.76 -3.24
C SER A 449 31.57 14.76 -2.15
N ALA A 450 31.48 13.47 -2.46
CA ALA A 450 31.80 12.41 -1.51
C ALA A 450 32.21 11.15 -2.25
N ASP A 451 33.03 10.33 -1.59
CA ASP A 451 33.47 9.07 -2.18
C ASP A 451 32.45 8.02 -1.82
N ILE A 452 31.67 7.64 -2.82
CA ILE A 452 30.65 6.65 -2.65
C ILE A 452 31.17 5.31 -3.10
N SER A 453 31.04 4.31 -2.23
CA SER A 453 31.46 2.97 -2.57
C SER A 453 30.34 2.07 -2.13
N LEU A 454 29.89 1.24 -3.07
CA LEU A 454 28.82 0.30 -2.80
C LEU A 454 29.16 -0.90 -3.67
N GLY A 455 29.64 -1.96 -3.03
CA GLY A 455 30.01 -3.16 -3.75
C GLY A 455 28.82 -3.99 -4.14
N SER A 456 28.87 -4.57 -5.32
CA SER A 456 27.77 -5.39 -5.80
C SER A 456 27.54 -6.61 -4.93
N ALA A 457 28.51 -6.97 -4.11
CA ALA A 457 28.38 -8.15 -3.26
C ALA A 457 27.90 -7.87 -1.84
N GLU A 458 27.48 -6.64 -1.58
CA GLU A 458 27.00 -6.30 -0.24
C GLU A 458 25.57 -6.82 -0.09
N ASP A 459 25.07 -6.89 1.15
CA ASP A 459 23.71 -7.38 1.39
C ASP A 459 22.64 -6.59 0.65
N ASP A 460 22.92 -5.31 0.44
CA ASP A 460 22.00 -4.42 -0.24
C ASP A 460 22.68 -3.74 -1.40
N GLY A 461 21.88 -3.39 -2.41
CA GLY A 461 22.41 -2.72 -3.58
C GLY A 461 22.07 -1.24 -3.62
N VAL A 462 21.83 -0.67 -2.45
CA VAL A 462 21.48 0.73 -2.33
C VAL A 462 22.12 1.35 -1.10
N LEU A 463 22.47 2.63 -1.21
CA LEU A 463 23.07 3.39 -0.11
C LEU A 463 22.23 4.64 -0.06
N ALA A 464 21.88 5.09 1.13
CA ALA A 464 21.06 6.28 1.28
C ALA A 464 21.47 7.10 2.48
N ILE A 465 21.65 8.40 2.28
CA ILE A 465 22.02 9.29 3.37
C ILE A 465 21.15 10.54 3.31
N HIS A 466 20.85 11.09 4.47
CA HIS A 466 20.02 12.29 4.53
C HIS A 466 20.39 13.17 5.72
N VAL A 467 19.94 14.42 5.69
CA VAL A 467 20.24 15.37 6.73
C VAL A 467 19.68 15.05 8.11
N ASN A 468 18.80 14.06 8.22
CA ASN A 468 18.26 13.69 9.53
C ASN A 468 18.99 12.53 10.17
N ALA A 469 20.05 12.07 9.51
CA ALA A 469 20.87 10.97 10.01
C ALA A 469 22.29 11.44 9.75
N LYS A 470 22.60 12.62 10.26
CA LYS A 470 23.91 13.25 10.13
C LYS A 470 24.57 13.35 11.51
N LEU A 471 25.86 13.04 11.57
CA LEU A 471 26.58 13.10 12.81
C LEU A 471 26.83 14.55 13.29
#